data_4EYM
#
_entry.id   4EYM
#
_cell.length_a   61.110
_cell.length_b   69.564
_cell.length_c   93.157
_cell.angle_alpha   90.00
_cell.angle_beta   90.00
_cell.angle_gamma   90.00
#
_symmetry.space_group_name_H-M   'P 21 21 21'
#
loop_
_entity.id
_entity.type
_entity.pdbx_description
1 polymer 'Mitogen-activated protein kinase 13'
2 non-polymer 2-(morpholin-4-yl)-N-[4-(pyridin-4-yloxy)phenyl]pyridine-4-carboxamide
3 water water
#
_entity_poly.entity_id   1
_entity_poly.type   'polypeptide(L)'
_entity_poly.pdbx_seq_one_letter_code
;MGSSHHHHHHSSGLVPRGSMSLIRKKGFYKQDVNKTAWELPKTYVSPTHVGSGAYGSVCSAIDKRSGEKVAIKKLSRPFQ
SEIFAKRAYRELLLLKHMQHENVIGLLDVFTPASSLRNFYDFYLVMPFMQTDLQKIMGMEFSEEKIQYLVYQMLKGLKYI
HSAGVVHRDLKPGNLAVNEDCELKILDFGLARHADAEMTGYVVTRWYRAPEVILSWMHYNQTVDIWSVGCIMAEMLTGKT
LFKGKDYLDQLTQILKVTGVPGTEFVQKLNDKAAKSYIQSLPQTPRKDFTQLFPRASPQAADLLEKMLELDVDKRLTAAQ
ALTHPFFEPFRDPEEETEAQQPFDDSLEHEKLTVDEWKQHIYKEIVNFSPI
;
_entity_poly.pdbx_strand_id   A
#
loop_
_chem_comp.id
_chem_comp.type
_chem_comp.name
_chem_comp.formula
0RX non-polymer 2-(morpholin-4-yl)-N-[4-(pyridin-4-yloxy)phenyl]pyridine-4-carboxamide 'C21 H20 N4 O3'
#
# COMPACT_ATOMS: atom_id res chain seq x y z
N SER A 21 27.04 -14.73 28.00
CA SER A 21 27.41 -14.25 26.66
C SER A 21 27.24 -15.38 25.64
N LEU A 22 26.60 -15.06 24.51
CA LEU A 22 26.26 -16.06 23.52
C LEU A 22 26.47 -15.56 22.09
N ILE A 23 26.32 -16.45 21.13
CA ILE A 23 26.38 -16.09 19.72
C ILE A 23 24.97 -15.71 19.25
N ARG A 24 23.99 -16.48 19.69
CA ARG A 24 22.59 -16.17 19.44
C ARG A 24 21.72 -16.80 20.52
N LYS A 25 20.49 -16.30 20.65
CA LYS A 25 19.56 -16.83 21.64
C LYS A 25 19.23 -18.30 21.41
N LYS A 26 19.07 -19.03 22.50
CA LYS A 26 18.74 -20.45 22.43
C LYS A 26 17.46 -20.68 21.63
N GLY A 27 17.39 -21.82 20.95
CA GLY A 27 16.22 -22.16 20.17
C GLY A 27 16.27 -21.55 18.79
N PHE A 28 17.38 -20.87 18.49
CA PHE A 28 17.61 -20.34 17.16
C PHE A 28 18.54 -21.27 16.39
N TYR A 29 18.36 -21.33 15.08
CA TYR A 29 19.24 -22.12 14.24
C TYR A 29 19.66 -21.32 13.02
N LYS A 30 20.88 -21.54 12.57
CA LYS A 30 21.39 -20.84 11.40
C LYS A 30 21.10 -21.66 10.16
N GLN A 31 20.52 -21.01 9.14
CA GLN A 31 20.27 -21.69 7.88
C GLN A 31 20.39 -20.74 6.69
N ASP A 32 20.98 -21.25 5.61
CA ASP A 32 21.07 -20.48 4.39
C ASP A 32 19.75 -20.47 3.62
N VAL A 33 19.32 -19.27 3.26
CA VAL A 33 18.14 -19.10 2.44
C VAL A 33 18.50 -18.19 1.27
N ASN A 34 18.38 -18.71 0.06
CA ASN A 34 18.74 -17.95 -1.13
C ASN A 34 20.19 -17.45 -1.03
N LYS A 35 21.08 -18.33 -0.60
CA LYS A 35 22.50 -18.02 -0.50
C LYS A 35 22.82 -16.90 0.51
N THR A 36 21.96 -16.72 1.50
CA THR A 36 22.23 -15.79 2.59
C THR A 36 21.90 -16.49 3.89
N ALA A 37 22.56 -16.08 4.97
CA ALA A 37 22.38 -16.71 6.27
C ALA A 37 21.18 -16.16 7.03
N TRP A 38 20.27 -17.05 7.42
CA TRP A 38 19.12 -16.67 8.23
C TRP A 38 19.20 -17.32 9.62
N GLU A 39 18.80 -16.57 10.64
CA GLU A 39 18.79 -17.09 12.01
C GLU A 39 17.35 -17.13 12.54
N LEU A 40 16.74 -18.30 12.52
CA LEU A 40 15.33 -18.44 12.85
C LEU A 40 15.10 -19.23 14.13
N PRO A 41 14.03 -18.89 14.87
CA PRO A 41 13.60 -19.68 16.02
C PRO A 41 13.16 -21.07 15.58
N LYS A 42 13.29 -22.04 16.47
CA LYS A 42 12.91 -23.43 16.20
C LYS A 42 11.50 -23.57 15.65
N THR A 43 10.58 -22.78 16.18
CA THR A 43 9.17 -22.90 15.83
C THR A 43 8.87 -22.64 14.35
N TYR A 44 9.81 -22.05 13.63
CA TYR A 44 9.64 -21.81 12.20
C TYR A 44 10.54 -22.71 11.38
N VAL A 45 9.93 -23.51 10.51
CA VAL A 45 10.67 -24.52 9.78
C VAL A 45 10.46 -24.41 8.28
N SER A 46 11.27 -25.16 7.54
CA SER A 46 11.19 -25.21 6.08
C SER A 46 11.16 -23.84 5.43
N PRO A 47 12.10 -22.96 5.82
CA PRO A 47 12.14 -21.64 5.19
C PRO A 47 12.39 -21.75 3.69
N THR A 48 11.69 -20.93 2.91
CA THR A 48 11.81 -20.98 1.46
C THR A 48 11.84 -19.58 0.86
N HIS A 49 12.87 -19.30 0.08
CA HIS A 49 13.03 -18.01 -0.58
C HIS A 49 11.74 -17.53 -1.24
N VAL A 50 11.48 -16.22 -1.16
CA VAL A 50 10.31 -15.63 -1.81
C VAL A 50 10.70 -14.45 -2.69
N GLY A 51 11.46 -13.52 -2.13
CA GLY A 51 11.92 -12.37 -2.88
C GLY A 51 13.01 -11.61 -2.17
N SER A 52 13.82 -10.89 -2.94
CA SER A 52 14.85 -10.03 -2.39
C SER A 52 14.45 -8.59 -2.69
N GLY A 53 14.53 -7.72 -1.69
CA GLY A 53 14.03 -6.37 -1.80
C GLY A 53 15.08 -5.30 -1.57
N ALA A 54 14.62 -4.06 -1.46
CA ALA A 54 15.52 -2.92 -1.34
C ALA A 54 16.18 -2.83 0.03
N TYR A 55 15.47 -3.27 1.07
CA TYR A 55 15.98 -3.11 2.43
C TYR A 55 15.96 -4.41 3.23
N GLY A 56 15.56 -5.48 2.58
CA GLY A 56 15.51 -6.80 3.21
C GLY A 56 15.12 -7.86 2.22
N SER A 57 14.82 -9.05 2.73
CA SER A 57 14.40 -10.16 1.87
C SER A 57 13.39 -11.01 2.61
N VAL A 58 12.60 -11.76 1.84
CA VAL A 58 11.49 -12.49 2.43
C VAL A 58 11.60 -13.98 2.13
N CYS A 59 11.12 -14.78 3.07
CA CYS A 59 10.96 -16.21 2.86
C CYS A 59 9.60 -16.63 3.42
N SER A 60 9.16 -17.83 3.06
CA SER A 60 8.01 -18.44 3.71
C SER A 60 8.48 -19.48 4.71
N ALA A 61 7.59 -19.88 5.62
CA ALA A 61 7.92 -20.88 6.62
C ALA A 61 6.67 -21.48 7.23
N ILE A 62 6.83 -22.64 7.86
CA ILE A 62 5.73 -23.28 8.57
C ILE A 62 5.90 -23.06 10.06
N ASP A 63 4.86 -22.52 10.69
CA ASP A 63 4.82 -22.41 12.15
C ASP A 63 4.37 -23.74 12.72
N LYS A 64 5.31 -24.64 12.98
CA LYS A 64 4.98 -26.00 13.37
C LYS A 64 3.93 -26.06 14.49
N ARG A 65 3.83 -24.99 15.27
CA ARG A 65 2.82 -24.89 16.32
C ARG A 65 1.40 -25.03 15.76
N SER A 66 1.17 -24.45 14.58
CA SER A 66 -0.16 -24.44 13.98
C SER A 66 -0.18 -25.07 12.59
N GLY A 67 0.99 -25.23 11.99
CA GLY A 67 1.10 -25.79 10.66
C GLY A 67 0.77 -24.78 9.58
N GLU A 68 0.56 -23.53 9.97
CA GLU A 68 0.23 -22.48 9.01
C GLU A 68 1.46 -21.86 8.35
N LYS A 69 1.31 -21.48 7.08
CA LYS A 69 2.39 -20.91 6.30
C LYS A 69 2.48 -19.42 6.59
N VAL A 70 3.66 -18.97 7.01
CA VAL A 70 3.91 -17.56 7.26
C VAL A 70 4.94 -17.00 6.27
N ALA A 71 5.05 -15.68 6.24
CA ALA A 71 6.12 -15.03 5.49
C ALA A 71 7.05 -14.40 6.51
N ILE A 72 8.35 -14.58 6.35
CA ILE A 72 9.29 -13.97 7.26
C ILE A 72 10.20 -13.00 6.52
N LYS A 73 10.21 -11.76 6.99
CA LYS A 73 11.05 -10.72 6.41
C LYS A 73 12.28 -10.47 7.26
N LYS A 74 13.44 -10.70 6.66
CA LYS A 74 14.73 -10.38 7.28
C LYS A 74 15.11 -8.96 6.91
N LEU A 75 15.23 -8.09 7.91
CA LEU A 75 15.71 -6.74 7.67
C LEU A 75 17.20 -6.77 7.36
N SER A 76 17.61 -6.04 6.33
CA SER A 76 19.01 -6.03 5.89
C SER A 76 19.77 -4.79 6.37
N ARG A 77 20.70 -5.00 7.28
CA ARG A 77 21.52 -3.90 7.82
C ARG A 77 20.67 -2.67 8.18
N PRO A 78 19.65 -2.87 9.03
CA PRO A 78 18.73 -1.77 9.40
C PRO A 78 19.46 -0.69 10.19
N PHE A 79 20.58 -1.04 10.81
CA PHE A 79 21.28 -0.13 11.70
C PHE A 79 22.56 0.42 11.08
N GLN A 80 22.56 0.60 9.76
CA GLN A 80 23.74 1.12 9.08
C GLN A 80 23.71 2.64 8.99
N SER A 81 22.56 3.22 9.32
CA SER A 81 22.39 4.67 9.28
C SER A 81 21.07 5.03 9.93
N GLU A 82 20.99 6.25 10.45
CA GLU A 82 19.78 6.74 11.09
C GLU A 82 18.56 6.59 10.17
N ILE A 83 18.77 6.73 8.88
CA ILE A 83 17.69 6.64 7.90
C ILE A 83 17.14 5.21 7.81
N PHE A 84 18.05 4.23 7.79
CA PHE A 84 17.65 2.84 7.73
C PHE A 84 16.94 2.42 9.01
N ALA A 85 17.45 2.87 10.16
CA ALA A 85 16.90 2.46 11.44
C ALA A 85 15.50 3.03 11.65
N LYS A 86 15.29 4.29 11.29
CA LYS A 86 13.96 4.89 11.41
C LYS A 86 12.99 4.13 10.52
N ARG A 87 13.35 3.97 9.26
CA ARG A 87 12.48 3.29 8.31
C ARG A 87 12.10 1.91 8.83
N ALA A 88 13.10 1.13 9.25
CA ALA A 88 12.85 -0.20 9.80
C ALA A 88 11.93 -0.15 11.01
N TYR A 89 12.18 0.84 11.87
CA TYR A 89 11.35 1.08 13.05
C TYR A 89 9.91 1.42 12.65
N ARG A 90 9.76 2.33 11.70
CA ARG A 90 8.45 2.74 11.19
C ARG A 90 7.63 1.56 10.67
N GLU A 91 8.27 0.68 9.88
CA GLU A 91 7.57 -0.48 9.32
C GLU A 91 7.02 -1.37 10.44
N LEU A 92 7.83 -1.55 11.47
CA LEU A 92 7.43 -2.34 12.62
C LEU A 92 6.23 -1.72 13.33
N LEU A 93 6.28 -0.42 13.60
CA LEU A 93 5.18 0.25 14.30
C LEU A 93 3.87 0.24 13.51
N LEU A 94 3.95 0.42 12.20
CA LEU A 94 2.75 0.48 11.37
C LEU A 94 2.09 -0.88 11.26
N LEU A 95 2.90 -1.92 11.02
CA LEU A 95 2.40 -3.28 10.92
C LEU A 95 1.77 -3.68 12.25
N LYS A 96 2.37 -3.23 13.35
CA LYS A 96 1.87 -3.51 14.69
C LYS A 96 0.57 -2.78 14.99
N HIS A 97 0.46 -1.54 14.54
CA HIS A 97 -0.71 -0.72 14.85
C HIS A 97 -2.00 -1.12 14.13
N MET A 98 -1.88 -1.56 12.88
CA MET A 98 -3.06 -1.85 12.08
C MET A 98 -3.61 -3.25 12.37
N GLN A 99 -4.90 -3.34 12.63
CA GLN A 99 -5.57 -4.60 12.91
C GLN A 99 -6.79 -4.74 12.00
N HIS A 100 -6.57 -5.22 10.79
CA HIS A 100 -7.65 -5.26 9.80
C HIS A 100 -7.43 -6.36 8.79
N GLU A 101 -8.52 -7.04 8.44
CA GLU A 101 -8.51 -8.15 7.50
C GLU A 101 -7.76 -7.82 6.23
N ASN A 102 -7.90 -6.60 5.75
CA ASN A 102 -7.36 -6.25 4.44
C ASN A 102 -6.13 -5.36 4.51
N VAL A 103 -5.45 -5.37 5.65
CA VAL A 103 -4.20 -4.64 5.83
C VAL A 103 -3.17 -5.60 6.40
N ILE A 104 -2.02 -5.72 5.75
CA ILE A 104 -1.01 -6.65 6.23
C ILE A 104 -0.62 -6.27 7.65
N GLY A 105 -0.48 -7.28 8.51
CA GLY A 105 -0.22 -7.07 9.93
C GLY A 105 0.85 -7.98 10.51
N LEU A 106 1.10 -7.82 11.80
CA LEU A 106 2.19 -8.53 12.48
C LEU A 106 1.74 -9.71 13.30
N LEU A 107 2.29 -10.89 13.00
CA LEU A 107 2.06 -12.07 13.81
C LEU A 107 3.13 -12.17 14.90
N ASP A 108 4.33 -11.67 14.61
CA ASP A 108 5.47 -11.87 15.48
C ASP A 108 6.65 -11.02 15.02
N VAL A 109 7.50 -10.64 15.98
CA VAL A 109 8.73 -9.94 15.69
C VAL A 109 9.82 -10.56 16.52
N PHE A 110 10.97 -10.84 15.92
CA PHE A 110 12.08 -11.39 16.68
C PHE A 110 13.46 -10.96 16.16
N THR A 111 14.45 -11.20 17.01
CA THR A 111 15.85 -10.96 16.68
C THR A 111 16.68 -12.05 17.33
N PRO A 112 17.72 -12.52 16.64
CA PRO A 112 18.60 -13.52 17.24
C PRO A 112 19.51 -12.91 18.29
N ALA A 113 19.65 -11.59 18.25
CA ALA A 113 20.54 -10.89 19.17
C ALA A 113 20.26 -11.23 20.63
N SER A 114 21.30 -11.19 21.45
CA SER A 114 21.16 -11.41 22.88
C SER A 114 21.53 -10.14 23.65
N SER A 115 22.01 -9.13 22.92
CA SER A 115 22.30 -7.83 23.51
C SER A 115 22.37 -6.74 22.43
N LEU A 116 22.68 -5.52 22.84
CA LEU A 116 22.79 -4.42 21.89
C LEU A 116 24.00 -4.56 20.99
N ARG A 117 25.08 -5.14 21.50
CA ARG A 117 26.26 -5.37 20.68
C ARG A 117 25.94 -6.45 19.64
N ASN A 118 25.11 -7.40 20.04
CA ASN A 118 24.62 -8.45 19.14
C ASN A 118 23.69 -7.91 18.07
N PHE A 119 22.95 -6.86 18.42
CA PHE A 119 21.83 -6.38 17.61
C PHE A 119 22.24 -5.86 16.24
N TYR A 120 22.04 -6.69 15.21
CA TYR A 120 22.36 -6.29 13.85
C TYR A 120 21.12 -6.21 12.98
N ASP A 121 20.10 -6.98 13.33
CA ASP A 121 18.90 -7.09 12.52
C ASP A 121 17.74 -7.72 13.28
N PHE A 122 16.57 -7.78 12.65
CA PHE A 122 15.43 -8.44 13.23
C PHE A 122 14.53 -8.99 12.13
N TYR A 123 13.56 -9.81 12.51
CA TYR A 123 12.70 -10.46 11.55
C TYR A 123 11.23 -10.11 11.80
N LEU A 124 10.49 -9.84 10.74
CA LEU A 124 9.05 -9.65 10.85
C LEU A 124 8.31 -10.88 10.36
N VAL A 125 7.35 -11.34 11.15
CA VAL A 125 6.52 -12.48 10.78
C VAL A 125 5.11 -11.99 10.42
N MET A 126 4.62 -12.38 9.25
CA MET A 126 3.32 -11.94 8.75
C MET A 126 2.57 -13.08 8.08
N PRO A 127 1.25 -12.93 7.90
CA PRO A 127 0.50 -13.95 7.15
C PRO A 127 1.03 -14.03 5.72
N PHE A 128 1.11 -15.23 5.17
CA PHE A 128 1.66 -15.43 3.84
C PHE A 128 0.64 -15.12 2.74
N MET A 129 1.05 -14.32 1.76
CA MET A 129 0.18 -14.01 0.63
C MET A 129 0.80 -14.56 -0.66
N GLN A 130 0.06 -15.44 -1.31
CA GLN A 130 0.55 -16.18 -2.46
C GLN A 130 1.09 -15.28 -3.55
N THR A 131 0.36 -14.23 -3.89
CA THR A 131 0.77 -13.36 -4.98
C THR A 131 0.25 -11.94 -4.80
N ASP A 132 0.23 -11.18 -5.88
CA ASP A 132 -0.29 -9.81 -5.84
C ASP A 132 -0.99 -9.47 -7.14
N LEU A 133 -1.69 -8.35 -7.15
CA LEU A 133 -2.48 -7.96 -8.31
C LEU A 133 -1.64 -7.66 -9.55
N GLN A 134 -0.43 -7.13 -9.35
CA GLN A 134 0.46 -6.82 -10.48
C GLN A 134 0.81 -8.09 -11.27
N LYS A 135 0.88 -9.22 -10.57
CA LYS A 135 1.26 -10.48 -11.20
C LYS A 135 0.09 -11.24 -11.84
N ILE A 136 -1.14 -10.93 -11.43
CA ILE A 136 -2.29 -11.61 -12.00
C ILE A 136 -3.14 -10.66 -12.82
N MET A 137 -2.57 -9.50 -13.14
CA MET A 137 -3.26 -8.47 -13.90
C MET A 137 -3.29 -8.80 -15.39
N GLY A 138 -4.27 -8.26 -16.10
CA GLY A 138 -4.34 -8.42 -17.54
C GLY A 138 -5.39 -9.43 -18.00
N MET A 139 -5.69 -10.40 -17.14
CA MET A 139 -6.53 -11.55 -17.50
C MET A 139 -8.05 -11.28 -17.47
N GLU A 140 -8.49 -10.25 -18.20
CA GLU A 140 -9.91 -9.99 -18.43
C GLU A 140 -10.67 -9.47 -17.20
N PHE A 141 -10.77 -10.28 -16.15
CA PHE A 141 -11.50 -9.91 -14.92
C PHE A 141 -13.01 -9.73 -15.12
N SER A 142 -13.79 -10.62 -14.53
CA SER A 142 -15.23 -10.42 -14.47
C SER A 142 -15.52 -9.27 -13.51
N GLU A 143 -16.68 -8.64 -13.67
CA GLU A 143 -17.06 -7.54 -12.79
C GLU A 143 -17.29 -8.00 -11.36
N GLU A 144 -17.70 -9.25 -11.18
CA GLU A 144 -17.92 -9.78 -9.84
C GLU A 144 -16.59 -9.89 -9.09
N LYS A 145 -15.54 -10.26 -9.82
CA LYS A 145 -14.21 -10.36 -9.25
C LYS A 145 -13.72 -8.96 -8.89
N ILE A 146 -13.89 -8.03 -9.82
CA ILE A 146 -13.58 -6.63 -9.60
C ILE A 146 -14.34 -6.08 -8.38
N GLN A 147 -15.63 -6.36 -8.31
CA GLN A 147 -16.43 -5.91 -7.18
C GLN A 147 -15.84 -6.41 -5.88
N TYR A 148 -15.43 -7.67 -5.87
CA TYR A 148 -14.91 -8.30 -4.67
C TYR A 148 -13.55 -7.73 -4.26
N LEU A 149 -12.63 -7.65 -5.22
CA LEU A 149 -11.29 -7.15 -4.93
C LEU A 149 -11.33 -5.68 -4.50
N VAL A 150 -12.04 -4.85 -5.29
CA VAL A 150 -12.05 -3.42 -5.02
C VAL A 150 -12.71 -3.13 -3.68
N TYR A 151 -13.73 -3.92 -3.35
CA TYR A 151 -14.43 -3.76 -2.08
C TYR A 151 -13.45 -3.98 -0.91
N GLN A 152 -12.57 -4.97 -1.05
CA GLN A 152 -11.55 -5.23 -0.05
C GLN A 152 -10.51 -4.11 0.02
N MET A 153 -10.14 -3.57 -1.14
CA MET A 153 -9.23 -2.45 -1.19
C MET A 153 -9.78 -1.28 -0.39
N LEU A 154 -11.01 -0.91 -0.71
CA LEU A 154 -11.64 0.21 -0.05
C LEU A 154 -11.73 0.05 1.46
N LYS A 155 -12.04 -1.16 1.91
CA LYS A 155 -12.15 -1.42 3.35
C LYS A 155 -10.82 -1.21 4.06
N GLY A 156 -9.75 -1.74 3.47
CA GLY A 156 -8.42 -1.53 4.01
C GLY A 156 -8.05 -0.06 4.02
N LEU A 157 -8.39 0.65 2.94
CA LEU A 157 -8.09 2.07 2.86
C LEU A 157 -8.89 2.86 3.88
N LYS A 158 -10.14 2.49 4.08
CA LYS A 158 -10.96 3.15 5.09
C LYS A 158 -10.29 3.02 6.45
N TYR A 159 -9.78 1.83 6.73
CA TYR A 159 -9.15 1.57 8.01
C TYR A 159 -7.89 2.39 8.23
N ILE A 160 -6.93 2.31 7.32
CA ILE A 160 -5.69 3.07 7.51
C ILE A 160 -5.93 4.58 7.51
N HIS A 161 -6.79 5.06 6.62
CA HIS A 161 -7.19 6.46 6.64
C HIS A 161 -7.72 6.87 8.01
N SER A 162 -8.59 6.05 8.61
CA SER A 162 -9.20 6.38 9.89
C SER A 162 -8.13 6.45 10.99
N ALA A 163 -6.98 5.85 10.74
CA ALA A 163 -5.84 5.92 11.64
C ALA A 163 -4.93 7.09 11.27
N GLY A 164 -5.35 7.89 10.30
CA GLY A 164 -4.54 9.01 9.85
C GLY A 164 -3.37 8.62 8.97
N VAL A 165 -3.47 7.47 8.30
CA VAL A 165 -2.40 6.99 7.45
C VAL A 165 -2.83 6.88 5.99
N VAL A 166 -2.10 7.55 5.11
CA VAL A 166 -2.37 7.47 3.68
C VAL A 166 -1.27 6.65 3.01
N HIS A 167 -1.63 5.85 2.02
CA HIS A 167 -0.66 5.01 1.34
C HIS A 167 0.26 5.84 0.44
N ARG A 168 -0.36 6.67 -0.40
CA ARG A 168 0.36 7.56 -1.32
C ARG A 168 0.92 6.85 -2.55
N ASP A 169 1.17 5.54 -2.43
CA ASP A 169 1.80 4.82 -3.54
C ASP A 169 1.09 3.51 -3.85
N LEU A 170 -0.23 3.51 -3.75
CA LEU A 170 -0.99 2.31 -3.99
C LEU A 170 -0.85 1.89 -5.46
N LYS A 171 -0.66 0.61 -5.67
CA LYS A 171 -0.48 0.06 -6.99
C LYS A 171 -0.72 -1.45 -6.90
N PRO A 172 -0.98 -2.11 -8.05
CA PRO A 172 -1.27 -3.55 -8.03
C PRO A 172 -0.16 -4.34 -7.34
N GLY A 173 1.08 -3.89 -7.49
CA GLY A 173 2.22 -4.54 -6.87
C GLY A 173 2.13 -4.47 -5.34
N ASN A 174 1.26 -3.59 -4.85
CA ASN A 174 1.07 -3.37 -3.41
C ASN A 174 -0.17 -4.05 -2.86
N LEU A 175 -0.93 -4.72 -3.73
CA LEU A 175 -2.14 -5.39 -3.29
C LEU A 175 -1.93 -6.90 -3.36
N ALA A 176 -1.67 -7.49 -2.20
CA ALA A 176 -1.39 -8.91 -2.09
C ALA A 176 -2.68 -9.70 -2.11
N VAL A 177 -2.65 -10.86 -2.77
CA VAL A 177 -3.81 -11.75 -2.80
C VAL A 177 -3.38 -13.20 -2.62
N ASN A 178 -4.30 -14.02 -2.12
CA ASN A 178 -4.07 -15.47 -2.10
C ASN A 178 -4.89 -16.11 -3.20
N GLU A 179 -5.04 -17.43 -3.16
CA GLU A 179 -5.73 -18.13 -4.24
C GLU A 179 -7.25 -17.91 -4.20
N ASP A 180 -7.76 -17.55 -3.04
CA ASP A 180 -9.19 -17.29 -2.87
C ASP A 180 -9.52 -15.82 -3.16
N CYS A 181 -8.54 -15.08 -3.68
CA CYS A 181 -8.71 -13.66 -3.94
C CYS A 181 -9.03 -12.84 -2.69
N GLU A 182 -8.60 -13.34 -1.53
CA GLU A 182 -8.56 -12.52 -0.33
C GLU A 182 -7.43 -11.50 -0.47
N LEU A 183 -7.67 -10.27 -0.06
CA LEU A 183 -6.75 -9.18 -0.34
C LEU A 183 -6.22 -8.44 0.90
N LYS A 184 -4.92 -8.18 0.94
CA LYS A 184 -4.34 -7.34 1.98
C LYS A 184 -3.46 -6.26 1.35
N ILE A 185 -3.60 -5.02 1.82
CA ILE A 185 -2.78 -3.92 1.32
C ILE A 185 -1.39 -3.97 1.92
N LEU A 186 -0.38 -3.76 1.08
CA LEU A 186 1.02 -3.73 1.50
C LEU A 186 1.63 -2.34 1.40
N ASP A 187 2.73 -2.15 2.13
CA ASP A 187 3.59 -0.98 1.95
C ASP A 187 2.88 0.36 2.09
N PHE A 188 1.97 0.43 3.06
CA PHE A 188 1.30 1.68 3.38
C PHE A 188 2.24 2.46 4.29
N GLY A 189 2.02 3.75 4.44
CA GLY A 189 2.96 4.57 5.22
C GLY A 189 4.38 4.64 4.66
N LEU A 190 4.51 4.51 3.34
CA LEU A 190 5.79 4.77 2.69
C LEU A 190 6.09 6.26 2.72
N TYR A 201 15.02 10.89 -11.72
CA TYR A 201 15.10 10.23 -13.02
C TYR A 201 13.74 10.14 -13.71
N VAL A 202 12.99 9.08 -13.41
CA VAL A 202 11.63 8.93 -13.90
C VAL A 202 11.05 7.56 -13.56
N VAL A 203 10.70 7.35 -12.29
CA VAL A 203 9.98 6.14 -11.92
C VAL A 203 8.57 6.22 -12.51
N THR A 204 8.00 5.06 -12.81
CA THR A 204 6.64 4.99 -13.32
C THR A 204 5.67 5.46 -12.24
N ARG A 205 4.70 6.29 -12.62
CA ARG A 205 3.76 6.86 -11.66
C ARG A 205 2.32 6.78 -12.18
N TRP A 206 2.03 5.69 -12.89
CA TRP A 206 0.74 5.48 -13.54
C TRP A 206 -0.47 5.58 -12.60
N TYR A 207 -0.28 5.22 -11.34
CA TYR A 207 -1.39 5.10 -10.39
C TYR A 207 -1.44 6.26 -9.41
N ARG A 208 -0.55 7.21 -9.62
CA ARG A 208 -0.41 8.32 -8.68
C ARG A 208 -1.40 9.43 -9.00
N ALA A 209 -1.92 10.07 -7.96
CA ALA A 209 -2.84 11.18 -8.11
C ALA A 209 -2.18 12.40 -8.75
N PRO A 210 -2.87 13.00 -9.73
CA PRO A 210 -2.42 14.21 -10.46
C PRO A 210 -1.89 15.30 -9.51
N GLU A 211 -2.64 15.58 -8.45
CA GLU A 211 -2.23 16.63 -7.52
C GLU A 211 -0.91 16.29 -6.82
N VAL A 212 -0.53 15.01 -6.82
CA VAL A 212 0.75 14.63 -6.26
C VAL A 212 1.87 14.78 -7.29
N ILE A 213 1.61 14.33 -8.51
CA ILE A 213 2.57 14.42 -9.60
C ILE A 213 2.87 15.87 -9.99
N LEU A 214 1.85 16.72 -9.92
CA LEU A 214 1.99 18.11 -10.33
C LEU A 214 2.00 19.07 -9.14
N SER A 215 1.75 18.54 -7.96
CA SER A 215 1.69 19.33 -6.73
C SER A 215 0.98 20.67 -6.93
N TRP A 216 -0.11 20.66 -7.69
CA TRP A 216 -0.80 21.89 -8.09
C TRP A 216 -1.91 22.31 -7.13
N MET A 217 -2.15 21.49 -6.11
CA MET A 217 -2.95 21.87 -4.95
C MET A 217 -2.60 20.87 -3.86
N HIS A 218 -3.05 21.13 -2.63
CA HIS A 218 -2.70 20.24 -1.54
C HIS A 218 -3.57 18.98 -1.55
N TYR A 219 -2.96 17.84 -1.26
CA TYR A 219 -3.65 16.56 -1.35
C TYR A 219 -4.22 16.10 -0.01
N ASN A 220 -5.34 15.39 -0.08
CA ASN A 220 -5.92 14.74 1.09
C ASN A 220 -5.84 13.23 0.97
N GLN A 221 -6.62 12.52 1.77
CA GLN A 221 -6.57 11.06 1.79
C GLN A 221 -7.10 10.44 0.50
N THR A 222 -7.79 11.22 -0.31
CA THR A 222 -8.40 10.68 -1.53
C THR A 222 -7.40 10.49 -2.67
N VAL A 223 -6.12 10.72 -2.38
CA VAL A 223 -5.07 10.39 -3.33
C VAL A 223 -5.05 8.88 -3.59
N ASP A 224 -5.37 8.11 -2.55
CA ASP A 224 -5.41 6.66 -2.70
C ASP A 224 -6.62 6.23 -3.52
N ILE A 225 -7.69 7.02 -3.48
CA ILE A 225 -8.90 6.67 -4.23
C ILE A 225 -8.66 6.80 -5.72
N TRP A 226 -7.88 7.80 -6.12
CA TRP A 226 -7.49 7.93 -7.51
C TRP A 226 -6.80 6.66 -7.97
N SER A 227 -5.93 6.14 -7.10
CA SER A 227 -5.17 4.94 -7.42
C SER A 227 -6.10 3.74 -7.64
N VAL A 228 -7.06 3.57 -6.72
CA VAL A 228 -8.09 2.54 -6.87
C VAL A 228 -8.82 2.67 -8.21
N GLY A 229 -9.17 3.89 -8.59
CA GLY A 229 -9.77 4.12 -9.89
C GLY A 229 -8.91 3.63 -11.04
N CYS A 230 -7.62 3.95 -11.02
CA CYS A 230 -6.71 3.50 -12.06
C CYS A 230 -6.61 1.98 -12.08
N ILE A 231 -6.64 1.37 -10.90
CA ILE A 231 -6.49 -0.07 -10.79
C ILE A 231 -7.77 -0.78 -11.24
N MET A 232 -8.91 -0.23 -10.84
CA MET A 232 -10.20 -0.78 -11.27
C MET A 232 -10.37 -0.69 -12.78
N ALA A 233 -10.05 0.47 -13.34
CA ALA A 233 -10.12 0.67 -14.79
C ALA A 233 -9.26 -0.35 -15.52
N GLU A 234 -8.05 -0.60 -15.01
CA GLU A 234 -7.14 -1.56 -15.60
C GLU A 234 -7.70 -2.99 -15.55
N MET A 235 -8.37 -3.32 -14.45
CA MET A 235 -9.03 -4.61 -14.35
C MET A 235 -10.14 -4.75 -15.39
N LEU A 236 -10.86 -3.66 -15.65
CA LEU A 236 -11.97 -3.69 -16.60
C LEU A 236 -11.53 -3.90 -18.05
N THR A 237 -10.45 -3.24 -18.44
CA THR A 237 -10.05 -3.19 -19.85
C THR A 237 -8.83 -4.05 -20.19
N GLY A 238 -8.01 -4.33 -19.18
CA GLY A 238 -6.81 -5.12 -19.37
C GLY A 238 -5.60 -4.26 -19.69
N LYS A 239 -5.80 -2.94 -19.74
CA LYS A 239 -4.72 -2.02 -20.09
C LYS A 239 -4.53 -0.95 -19.04
N THR A 240 -3.27 -0.60 -18.78
CA THR A 240 -2.97 0.50 -17.89
C THR A 240 -3.67 1.75 -18.39
N LEU A 241 -4.32 2.46 -17.48
CA LEU A 241 -5.09 3.66 -17.85
C LEU A 241 -4.18 4.81 -18.26
N PHE A 242 -3.25 5.18 -17.38
CA PHE A 242 -2.42 6.35 -17.60
C PHE A 242 -0.93 6.00 -17.62
N LYS A 243 -0.24 6.42 -18.67
CA LYS A 243 1.21 6.32 -18.72
C LYS A 243 1.81 7.66 -19.16
N GLY A 244 2.94 7.61 -19.86
CA GLY A 244 3.58 8.82 -20.34
C GLY A 244 5.04 8.92 -19.98
N LYS A 245 5.85 9.39 -20.92
CA LYS A 245 7.29 9.53 -20.72
C LYS A 245 7.60 10.52 -19.60
N ASP A 246 6.83 11.60 -19.54
CA ASP A 246 7.04 12.62 -18.50
C ASP A 246 5.72 13.15 -17.94
N TYR A 247 5.82 13.90 -16.85
CA TYR A 247 4.64 14.33 -16.12
C TYR A 247 3.64 15.08 -17.00
N LEU A 248 4.14 15.78 -18.01
CA LEU A 248 3.28 16.54 -18.92
C LEU A 248 2.50 15.62 -19.85
N ASP A 249 3.14 14.57 -20.35
CA ASP A 249 2.45 13.60 -21.21
C ASP A 249 1.45 12.78 -20.40
N GLN A 250 1.79 12.48 -19.15
CA GLN A 250 0.87 11.79 -18.27
C GLN A 250 -0.36 12.66 -18.03
N LEU A 251 -0.13 13.94 -17.79
CA LEU A 251 -1.21 14.89 -17.59
C LEU A 251 -2.12 14.93 -18.82
N THR A 252 -1.52 14.91 -20.01
CA THR A 252 -2.26 14.93 -21.26
C THR A 252 -3.11 13.68 -21.42
N GLN A 253 -2.57 12.55 -20.97
CA GLN A 253 -3.33 11.31 -20.97
C GLN A 253 -4.45 11.35 -19.94
N ILE A 254 -4.17 11.93 -18.78
CA ILE A 254 -5.19 12.05 -17.74
C ILE A 254 -6.35 12.91 -18.20
N LEU A 255 -6.04 14.01 -18.89
CA LEU A 255 -7.06 14.97 -19.30
C LEU A 255 -7.94 14.43 -20.43
N LYS A 256 -7.42 13.52 -21.23
CA LYS A 256 -8.23 12.83 -22.24
C LYS A 256 -9.40 12.11 -21.59
N VAL A 257 -9.22 11.72 -20.33
CA VAL A 257 -10.20 10.91 -19.61
C VAL A 257 -11.11 11.75 -18.72
N THR A 258 -10.52 12.65 -17.94
CA THR A 258 -11.26 13.49 -17.02
C THR A 258 -11.88 14.68 -17.75
N GLY A 259 -11.34 15.00 -18.93
CA GLY A 259 -11.71 16.22 -19.62
C GLY A 259 -11.09 17.42 -18.94
N VAL A 260 -10.96 18.53 -19.65
CA VAL A 260 -10.39 19.74 -19.08
C VAL A 260 -11.33 20.28 -17.99
N PRO A 261 -10.80 20.51 -16.78
CA PRO A 261 -11.59 20.94 -15.62
C PRO A 261 -12.07 22.38 -15.71
N GLY A 262 -13.24 22.66 -15.14
CA GLY A 262 -13.84 23.98 -15.22
C GLY A 262 -13.38 24.95 -14.15
N THR A 263 -13.92 26.17 -14.22
CA THR A 263 -13.51 27.28 -13.37
C THR A 263 -13.50 26.94 -11.87
N GLU A 264 -14.51 26.21 -11.42
CA GLU A 264 -14.58 25.82 -10.01
C GLU A 264 -13.30 25.12 -9.57
N PHE A 265 -12.80 24.20 -10.39
CA PHE A 265 -11.57 23.49 -10.07
C PHE A 265 -10.35 24.38 -10.27
N VAL A 266 -10.31 25.08 -11.39
CA VAL A 266 -9.17 25.93 -11.72
C VAL A 266 -8.83 26.89 -10.58
N GLN A 267 -9.85 27.37 -9.89
CA GLN A 267 -9.64 28.36 -8.82
C GLN A 267 -8.90 27.77 -7.62
N LYS A 268 -9.08 26.47 -7.37
CA LYS A 268 -8.45 25.82 -6.23
C LYS A 268 -6.94 25.61 -6.40
N LEU A 269 -6.45 25.79 -7.62
CA LEU A 269 -5.04 25.58 -7.92
C LEU A 269 -4.14 26.59 -7.22
N ASN A 270 -3.05 26.10 -6.62
CA ASN A 270 -2.07 26.96 -5.96
C ASN A 270 -0.82 27.11 -6.81
N ASP A 271 -0.89 26.60 -8.04
CA ASP A 271 0.21 26.69 -8.97
C ASP A 271 -0.26 27.50 -10.16
N LYS A 272 0.09 28.78 -10.16
CA LYS A 272 -0.44 29.71 -11.17
C LYS A 272 0.02 29.35 -12.57
N ALA A 273 1.24 28.83 -12.69
CA ALA A 273 1.75 28.38 -13.98
C ALA A 273 0.96 27.20 -14.54
N ALA A 274 0.57 26.28 -13.67
CA ALA A 274 -0.24 25.13 -14.07
C ALA A 274 -1.65 25.60 -14.41
N LYS A 275 -2.18 26.50 -13.59
CA LYS A 275 -3.49 27.08 -13.81
C LYS A 275 -3.54 27.73 -15.19
N SER A 276 -2.52 28.54 -15.48
CA SER A 276 -2.39 29.18 -16.79
C SER A 276 -2.42 28.12 -17.87
N TYR A 277 -1.52 27.15 -17.77
CA TYR A 277 -1.45 26.06 -18.74
C TYR A 277 -2.80 25.38 -18.97
N ILE A 278 -3.58 25.19 -17.91
CA ILE A 278 -4.87 24.51 -18.03
C ILE A 278 -5.91 25.39 -18.70
N GLN A 279 -5.85 26.70 -18.46
CA GLN A 279 -6.80 27.65 -19.05
C GLN A 279 -6.49 27.90 -20.51
N SER A 280 -5.28 27.52 -20.93
CA SER A 280 -4.79 27.78 -22.28
C SER A 280 -4.91 26.55 -23.18
N LEU A 281 -5.57 25.52 -22.67
CA LEU A 281 -5.75 24.27 -23.42
C LEU A 281 -7.02 24.31 -24.26
N PRO A 282 -7.03 23.56 -25.36
CA PRO A 282 -8.32 23.28 -25.99
C PRO A 282 -9.23 22.71 -24.91
N GLN A 283 -10.23 23.49 -24.50
CA GLN A 283 -11.11 23.10 -23.40
C GLN A 283 -12.03 21.95 -23.79
N THR A 284 -11.48 20.73 -23.81
CA THR A 284 -12.25 19.55 -24.21
C THR A 284 -13.09 19.03 -23.05
N PRO A 285 -14.42 19.12 -23.18
CA PRO A 285 -15.35 18.67 -22.15
C PRO A 285 -15.08 17.24 -21.67
N ARG A 286 -15.64 16.90 -20.51
CA ARG A 286 -15.25 15.71 -19.76
C ARG A 286 -15.29 14.37 -20.50
N LYS A 287 -16.40 13.65 -20.37
CA LYS A 287 -16.33 12.19 -20.52
C LYS A 287 -17.40 11.44 -21.31
N ASP A 288 -18.47 11.09 -20.60
CA ASP A 288 -19.23 9.88 -20.85
C ASP A 288 -18.31 8.67 -20.64
N PHE A 289 -18.14 8.28 -19.38
CA PHE A 289 -17.36 7.08 -19.03
C PHE A 289 -18.01 5.84 -19.62
N THR A 290 -19.26 5.96 -20.04
CA THR A 290 -19.93 4.88 -20.75
C THR A 290 -19.28 4.68 -22.10
N GLN A 291 -18.78 5.79 -22.67
CA GLN A 291 -18.12 5.71 -23.98
C GLN A 291 -16.63 5.36 -23.84
N LEU A 292 -15.99 5.79 -22.76
CA LEU A 292 -14.59 5.48 -22.53
C LEU A 292 -14.42 4.02 -22.13
N PHE A 293 -15.40 3.50 -21.42
CA PHE A 293 -15.41 2.10 -21.01
C PHE A 293 -16.69 1.44 -21.50
N PRO A 294 -16.75 1.17 -22.82
CA PRO A 294 -17.93 0.69 -23.53
C PRO A 294 -18.40 -0.71 -23.12
N ARG A 295 -17.69 -1.37 -22.23
CA ARG A 295 -18.09 -2.70 -21.78
C ARG A 295 -18.49 -2.69 -20.30
N ALA A 296 -18.15 -1.59 -19.62
CA ALA A 296 -18.44 -1.46 -18.20
C ALA A 296 -19.94 -1.35 -17.96
N SER A 297 -20.39 -1.89 -16.83
CA SER A 297 -21.78 -1.69 -16.41
C SER A 297 -21.95 -0.24 -16.01
N PRO A 298 -23.19 0.28 -16.10
CA PRO A 298 -23.46 1.65 -15.67
C PRO A 298 -22.97 1.92 -14.26
N GLN A 299 -23.19 0.99 -13.34
CA GLN A 299 -22.75 1.19 -11.95
C GLN A 299 -21.22 1.28 -11.85
N ALA A 300 -20.52 0.42 -12.60
CA ALA A 300 -19.07 0.46 -12.61
C ALA A 300 -18.53 1.76 -13.21
N ALA A 301 -19.10 2.18 -14.33
CA ALA A 301 -18.68 3.42 -14.97
C ALA A 301 -18.94 4.60 -14.03
N ASP A 302 -20.07 4.55 -13.33
CA ASP A 302 -20.45 5.60 -12.41
C ASP A 302 -19.47 5.72 -11.26
N LEU A 303 -19.10 4.59 -10.68
CA LEU A 303 -18.12 4.55 -9.61
C LEU A 303 -16.78 5.08 -10.10
N LEU A 304 -16.37 4.65 -11.29
CA LEU A 304 -15.12 5.12 -11.89
C LEU A 304 -15.12 6.63 -12.02
N GLU A 305 -16.24 7.16 -12.49
CA GLU A 305 -16.41 8.60 -12.70
C GLU A 305 -16.11 9.38 -11.44
N LYS A 306 -16.49 8.80 -10.30
CA LYS A 306 -16.42 9.49 -9.02
C LYS A 306 -15.10 9.30 -8.31
N MET A 307 -14.31 8.32 -8.76
CA MET A 307 -12.98 8.13 -8.21
C MET A 307 -11.94 8.85 -9.05
N LEU A 308 -12.14 8.85 -10.37
CA LEU A 308 -11.24 9.54 -11.27
C LEU A 308 -11.65 11.02 -11.36
N GLU A 309 -11.74 11.67 -10.21
CA GLU A 309 -12.17 13.06 -10.15
C GLU A 309 -10.98 13.93 -9.80
N LEU A 310 -10.69 14.92 -10.64
CA LEU A 310 -9.55 15.81 -10.42
C LEU A 310 -9.70 16.64 -9.15
N ASP A 311 -10.90 17.13 -8.89
CA ASP A 311 -11.15 17.95 -7.71
C ASP A 311 -11.06 17.09 -6.45
N VAL A 312 -9.99 17.30 -5.67
CA VAL A 312 -9.72 16.48 -4.49
C VAL A 312 -10.76 16.67 -3.39
N ASP A 313 -11.62 17.67 -3.53
CA ASP A 313 -12.71 17.89 -2.58
C ASP A 313 -14.00 17.18 -3.01
N LYS A 314 -14.10 16.86 -4.29
CA LYS A 314 -15.28 16.15 -4.79
C LYS A 314 -15.02 14.64 -4.91
N ARG A 315 -13.75 14.27 -5.03
CA ARG A 315 -13.39 12.86 -5.16
C ARG A 315 -13.85 12.06 -3.95
N LEU A 316 -14.38 10.87 -4.19
CA LEU A 316 -14.89 10.00 -3.14
C LEU A 316 -13.85 9.63 -2.10
N THR A 317 -14.27 9.63 -0.84
CA THR A 317 -13.48 9.00 0.20
C THR A 317 -13.71 7.49 0.14
N ALA A 318 -12.87 6.75 0.85
CA ALA A 318 -13.05 5.31 0.97
C ALA A 318 -14.44 4.98 1.54
N ALA A 319 -14.80 5.64 2.63
CA ALA A 319 -16.08 5.35 3.28
C ALA A 319 -17.25 5.56 2.33
N GLN A 320 -17.21 6.65 1.57
CA GLN A 320 -18.27 6.96 0.62
C GLN A 320 -18.32 5.99 -0.54
N ALA A 321 -17.16 5.58 -1.04
CA ALA A 321 -17.11 4.66 -2.17
C ALA A 321 -17.63 3.29 -1.75
N LEU A 322 -17.47 2.96 -0.48
CA LEU A 322 -17.98 1.70 0.05
C LEU A 322 -19.50 1.61 -0.01
N THR A 323 -20.19 2.76 0.01
CA THR A 323 -21.66 2.80 -0.07
C THR A 323 -22.19 2.68 -1.50
N HIS A 324 -21.30 2.73 -2.48
CA HIS A 324 -21.72 2.70 -3.88
C HIS A 324 -22.35 1.36 -4.31
N PRO A 325 -23.41 1.42 -5.14
CA PRO A 325 -24.16 0.25 -5.59
C PRO A 325 -23.30 -0.84 -6.23
N PHE A 326 -22.16 -0.47 -6.80
CA PHE A 326 -21.23 -1.43 -7.39
C PHE A 326 -20.82 -2.53 -6.40
N PHE A 327 -20.95 -2.26 -5.10
CA PHE A 327 -20.54 -3.25 -4.10
C PHE A 327 -21.71 -3.93 -3.38
N GLU A 328 -22.93 -3.67 -3.84
CA GLU A 328 -24.14 -4.18 -3.18
C GLU A 328 -24.11 -5.68 -2.85
N PRO A 329 -23.63 -6.52 -3.79
CA PRO A 329 -23.60 -7.96 -3.52
C PRO A 329 -22.66 -8.36 -2.37
N PHE A 330 -21.65 -7.55 -2.09
CA PHE A 330 -20.64 -7.94 -1.10
C PHE A 330 -20.68 -7.11 0.16
N ARG A 331 -21.46 -6.04 0.16
CA ARG A 331 -21.34 -5.07 1.24
C ARG A 331 -21.78 -5.57 2.61
N ASP A 332 -20.89 -5.39 3.58
CA ASP A 332 -21.19 -5.72 4.97
C ASP A 332 -20.65 -4.58 5.84
N PRO A 333 -21.52 -3.62 6.16
CA PRO A 333 -21.15 -2.45 6.97
C PRO A 333 -20.32 -2.83 8.19
N GLU A 334 -20.57 -4.03 8.72
CA GLU A 334 -19.92 -4.48 9.94
C GLU A 334 -18.43 -4.75 9.70
N GLU A 335 -18.09 -5.16 8.48
CA GLU A 335 -16.70 -5.41 8.11
C GLU A 335 -15.93 -4.12 7.84
N GLU A 336 -16.66 -3.02 7.69
CA GLU A 336 -16.08 -1.72 7.35
C GLU A 336 -15.63 -0.96 8.59
N THR A 337 -14.70 -1.54 9.33
CA THR A 337 -14.23 -0.96 10.60
C THR A 337 -13.28 0.22 10.44
N GLU A 338 -13.08 0.93 11.54
CA GLU A 338 -12.10 1.99 11.63
C GLU A 338 -11.11 1.63 12.72
N ALA A 339 -9.91 2.18 12.62
CA ALA A 339 -8.95 2.06 13.71
C ALA A 339 -9.57 2.74 14.93
N GLN A 340 -9.38 2.16 16.10
CA GLN A 340 -9.88 2.78 17.33
C GLN A 340 -8.99 3.94 17.74
N GLN A 341 -7.69 3.81 17.47
CA GLN A 341 -6.73 4.83 17.81
C GLN A 341 -5.94 5.27 16.58
N PRO A 342 -5.64 6.56 16.49
CA PRO A 342 -4.81 7.06 15.38
C PRO A 342 -3.41 6.50 15.50
N PHE A 343 -2.75 6.25 14.37
CA PHE A 343 -1.36 5.86 14.44
C PHE A 343 -0.60 7.02 15.06
N ASP A 344 0.08 6.74 16.17
CA ASP A 344 0.69 7.82 16.94
C ASP A 344 2.15 7.51 17.24
N ASP A 345 3.03 7.94 16.33
CA ASP A 345 4.46 7.82 16.54
C ASP A 345 5.04 9.16 17.00
N SER A 346 5.30 9.27 18.29
CA SER A 346 5.87 10.48 18.87
C SER A 346 7.30 10.74 18.38
N LEU A 347 7.92 9.71 17.83
CA LEU A 347 9.32 9.81 17.39
C LEU A 347 9.41 9.99 15.89
N GLU A 348 8.24 10.08 15.25
CA GLU A 348 8.17 10.28 13.81
C GLU A 348 9.08 11.39 13.32
N HIS A 349 9.18 12.45 14.11
CA HIS A 349 9.92 13.64 13.74
C HIS A 349 11.31 13.65 14.34
N GLU A 350 11.46 12.92 15.43
CA GLU A 350 12.71 12.91 16.18
C GLU A 350 13.97 12.68 15.35
N LYS A 351 15.07 13.25 15.81
CA LYS A 351 16.37 13.02 15.20
C LYS A 351 17.27 12.36 16.23
N LEU A 352 17.51 11.07 16.06
CA LEU A 352 18.26 10.32 17.05
C LEU A 352 19.49 9.65 16.47
N THR A 353 20.30 9.09 17.36
CA THR A 353 21.47 8.35 16.95
C THR A 353 21.10 6.90 16.67
N VAL A 354 21.78 6.29 15.72
CA VAL A 354 21.51 4.91 15.34
C VAL A 354 21.45 4.05 16.58
N ASP A 355 22.35 4.30 17.52
CA ASP A 355 22.37 3.56 18.77
C ASP A 355 21.08 3.73 19.57
N GLU A 356 20.59 4.98 19.65
CA GLU A 356 19.33 5.23 20.35
C GLU A 356 18.17 4.55 19.64
N TRP A 357 18.16 4.65 18.31
CA TRP A 357 17.14 3.95 17.51
C TRP A 357 17.12 2.45 17.80
N LYS A 358 18.28 1.82 17.80
CA LYS A 358 18.37 0.40 18.14
C LYS A 358 17.78 0.14 19.51
N GLN A 359 18.00 1.06 20.45
CA GLN A 359 17.44 0.91 21.79
C GLN A 359 15.92 0.81 21.74
N HIS A 360 15.29 1.66 20.95
CA HIS A 360 13.83 1.68 20.85
C HIS A 360 13.29 0.47 20.11
N ILE A 361 13.90 0.16 18.97
CA ILE A 361 13.52 -1.01 18.19
C ILE A 361 13.66 -2.25 19.06
N TYR A 362 14.73 -2.28 19.85
CA TYR A 362 15.04 -3.40 20.72
C TYR A 362 13.94 -3.59 21.76
N LYS A 363 13.53 -2.49 22.38
CA LYS A 363 12.48 -2.53 23.39
C LYS A 363 11.15 -2.97 22.79
N GLU A 364 10.83 -2.43 21.62
CA GLU A 364 9.58 -2.78 20.95
C GLU A 364 9.51 -4.28 20.69
N ILE A 365 10.65 -4.87 20.33
CA ILE A 365 10.71 -6.31 20.07
C ILE A 365 10.51 -7.09 21.37
N VAL A 366 11.22 -6.68 22.42
CA VAL A 366 11.00 -7.24 23.75
C VAL A 366 9.54 -7.08 24.16
N ASN A 367 9.04 -5.85 24.07
CA ASN A 367 7.69 -5.53 24.53
C ASN A 367 6.57 -6.19 23.74
N PHE A 368 6.90 -6.71 22.55
CA PHE A 368 5.89 -7.34 21.70
C PHE A 368 5.41 -8.67 22.29
N SER A 369 4.20 -9.06 21.93
CA SER A 369 3.62 -10.33 22.38
C SER A 369 2.66 -10.90 21.35
N PRO A 370 2.90 -12.16 20.94
CA PRO A 370 2.01 -12.89 20.02
C PRO A 370 0.92 -13.64 20.76
O1 0RX B . 3.76 -4.33 4.10
C1 0RX B . 4.82 -3.98 4.59
C13 0RX B . 4.90 -2.57 5.11
C21 0RX B . 6.05 -1.83 4.94
C16 0RX B . 6.09 -0.53 5.43
N4 0RX B . 7.24 0.24 5.23
C20 0RX B . 7.17 1.69 5.34
C19 0RX B . 8.51 2.16 5.87
O3 0RX B . 9.61 1.71 5.06
C18 0RX B . 9.29 0.66 4.16
C17 0RX B . 8.49 -0.43 4.88
N3 0RX B . 5.02 0.01 6.07
C15 0RX B . 3.91 -0.71 6.26
C14 0RX B . 3.82 -2.02 5.79
N1 0RX B . 5.88 -4.77 4.69
C2 0RX B . 5.99 -5.97 4.06
C12 0RX B . 7.02 -6.83 4.44
C11 0RX B . 7.16 -8.06 3.83
C5 0RX B . 6.27 -8.48 2.84
C4 0RX B . 5.26 -7.62 2.44
C3 0RX B . 5.11 -6.37 3.07
O2 0RX B . 6.45 -9.70 2.25
C6 0RX B . 5.45 -10.64 2.21
C10 0RX B . 4.44 -10.65 3.16
C9 0RX B . 3.45 -11.64 3.09
N2 0RX B . 3.47 -12.56 2.13
C8 0RX B . 4.45 -12.57 1.20
C7 0RX B . 5.46 -11.61 1.22
#